data_2PYL
#
_entry.id   2PYL
#
_cell.length_a   58.922
_cell.length_b   78.199
_cell.length_c   157.813
_cell.angle_alpha   90.00
_cell.angle_beta   90.00
_cell.angle_gamma   90.00
#
_symmetry.space_group_name_H-M   'P 21 21 21'
#
loop_
_entity.id
_entity.type
_entity.pdbx_description
1 polymer "5'-d(GACTGCTTAC(2DA))-3'"
2 polymer "5'-d(CTGACGAATGTACA)-3'"
3 polymer 'DNA polymerase'
4 non-polymer 'MAGNESIUM ION'
5 non-polymer "THYMIDINE-5'-TRIPHOSPHATE"
6 non-polymer 1,2-ETHANEDIOL
7 water water
#
loop_
_entity_poly.entity_id
_entity_poly.type
_entity_poly.pdbx_seq_one_letter_code
_entity_poly.pdbx_strand_id
1 'polydeoxyribonucleotide' (DG)(DA)(DC)(DT)(DG)(DC)(DT)(DT)(DA)(DC)(2DA) X
2 'polydeoxyribonucleotide' (DA)(DC)(DA)(DT)(DG)(DT)(DA)(DA)(DG)(DC)(DA)(DG)(DT)(DC) Y
3 'polypeptide(L)'
;MKHMPRKMYSCAFETTTKVEDCRVWAYGYMNIEDHSEYKIGNSLDEFMAWVLKVQADLYFHNLKFAGAFIINWLERNGFK
WSADGLPNTYNTIISRMGQWYMIDICLGYKGKRKIHTVIYDSLKKLPFPVKKIAKDFKLTVLKGDIDYHKERPVGYKITP
EEYAYIKNDIQIIAEALLIQFKQGLDRMTAGSDSLKGFKDIITTKKFKKVFPTLSLGLDKEVRYAYRGGFTWLNDRFKEK
EIGEGMVFDVNSLYPAQMYSRLLPYGEPIVFEGKYVWDEDYPLHIQHIRCEFELKEGYIPTIQIKRSRFYKGNEYLKSSG
GEIADLWLSNVDLELMKEHYDLYNVEYISGLKFKATTGLFKDFIDKWTYIKTTSEGAIKQLAKLMLNSLYGKFASNPDVT
GKVPYLKENGALGFRLGEEETKDPVYTPMGVFITAWARYTTITAAQACYDRIIYCDTDSIHLTGTEIPDVIKDIVDPKKL
GYWAHESTFKRAKYLRQKTYIQDIYMKEVDGKLVEGSPDDYTDIKFSVKCAGMTDKIKKEVTFENFKVGFSRKMKPKPVQ
VPGGVVLVDDTFTIK
;
A
#
loop_
_chem_comp.id
_chem_comp.type
_chem_comp.name
_chem_comp.formula
2DA DNA linking 2',3'-DIDEOXYADENOSINE-5'-MONOPHOSPHATE 'C10 H14 N5 O5 P'
DA DNA linking 2'-DEOXYADENOSINE-5'-MONOPHOSPHATE 'C10 H14 N5 O6 P'
DC DNA linking 2'-DEOXYCYTIDINE-5'-MONOPHOSPHATE 'C9 H14 N3 O7 P'
DG DNA linking 2'-DEOXYGUANOSINE-5'-MONOPHOSPHATE 'C10 H14 N5 O7 P'
DT DNA linking THYMIDINE-5'-MONOPHOSPHATE 'C10 H15 N2 O8 P'
EDO non-polymer 1,2-ETHANEDIOL 'C2 H6 O2'
MG non-polymer 'MAGNESIUM ION' 'Mg 2'
TTP non-polymer THYMIDINE-5'-TRIPHOSPHATE 'C10 H17 N2 O14 P3'
#
# COMPACT_ATOMS: atom_id res chain seq x y z
P 2DA A 11 -1.91 11.17 6.95
OP1 2DA A 11 -2.35 11.91 8.15
OP2 2DA A 11 -1.33 11.80 5.79
O5' 2DA A 11 -0.90 10.18 7.59
C5' 2DA A 11 -0.19 9.31 6.78
C4' 2DA A 11 0.27 8.17 7.62
O4' 2DA A 11 -0.40 7.04 7.13
C3' 2DA A 11 1.73 8.04 7.31
C2' 2DA A 11 1.89 6.62 6.94
C1' 2DA A 11 0.53 6.02 6.87
N9 2DA A 11 0.39 5.41 5.54
C8 2DA A 11 0.06 6.00 4.40
N7 2DA A 11 0.07 5.11 3.40
C5 2DA A 11 0.35 3.93 3.92
C6 2DA A 11 0.52 2.55 3.43
N6 2DA A 11 0.34 2.24 2.15
N1 2DA A 11 0.87 1.62 4.31
C2 2DA A 11 1.05 1.90 5.59
N3 2DA A 11 0.90 3.12 6.09
C4 2DA A 11 0.59 4.14 5.32
N PRO C 5 13.12 -17.01 -25.02
CA PRO C 5 12.78 -15.60 -24.75
C PRO C 5 11.41 -15.21 -25.32
N ARG C 6 10.45 -14.98 -24.43
CA ARG C 6 9.06 -14.68 -24.84
C ARG C 6 8.87 -13.21 -25.18
N LYS C 7 7.93 -12.95 -26.09
CA LYS C 7 7.58 -11.61 -26.51
C LYS C 7 6.71 -10.91 -25.45
N MET C 8 6.81 -9.58 -25.39
CA MET C 8 6.07 -8.77 -24.41
C MET C 8 5.20 -7.70 -25.09
N TYR C 9 3.92 -7.64 -24.71
CA TYR C 9 2.97 -6.72 -25.32
C TYR C 9 2.27 -5.86 -24.29
N SER C 10 2.01 -4.61 -24.69
CA SER C 10 1.24 -3.64 -23.91
C SER C 10 -0.15 -3.53 -24.52
N CYS C 11 -1.16 -3.73 -23.67
CA CYS C 11 -2.54 -3.87 -24.10
C CYS C 11 -3.47 -2.96 -23.32
N ALA C 12 -4.64 -2.71 -23.90
CA ALA C 12 -5.68 -1.91 -23.30
C ALA C 12 -7.03 -2.23 -23.93
N PHE C 13 -8.11 -2.01 -23.17
CA PHE C 13 -9.49 -2.06 -23.68
C PHE C 13 -10.17 -0.71 -23.45
N GLU C 14 -11.09 -0.37 -24.34
CA GLU C 14 -12.12 0.64 -24.07
C GLU C 14 -13.43 -0.13 -23.98
N THR C 15 -14.22 0.18 -22.98
CA THR C 15 -15.41 -0.62 -22.66
C THR C 15 -16.60 0.31 -22.50
N THR C 16 -17.79 -0.24 -22.71
CA THR C 16 -19.03 0.48 -22.47
C THR C 16 -19.30 0.53 -20.96
N THR C 17 -20.12 1.49 -20.56
CA THR C 17 -20.33 1.80 -19.15
C THR C 17 -21.77 1.49 -18.72
N LYS C 18 -22.50 0.78 -19.59
CA LYS C 18 -23.86 0.43 -19.30
C LYS C 18 -23.90 -0.87 -18.51
N VAL C 19 -24.64 -0.85 -17.40
CA VAL C 19 -24.82 -2.03 -16.53
C VAL C 19 -25.32 -3.28 -17.27
N GLU C 20 -26.11 -3.07 -18.32
CA GLU C 20 -26.78 -4.15 -19.04
C GLU C 20 -26.75 -3.97 -20.56
N ASP C 21 -25.87 -3.11 -21.04
CA ASP C 21 -24.91 -3.49 -22.07
C ASP C 21 -23.43 -3.28 -21.72
N CYS C 22 -22.79 -4.27 -21.11
CA CYS C 22 -21.38 -4.16 -20.72
C CYS C 22 -20.38 -4.95 -21.61
N ARG C 23 -19.60 -4.25 -22.41
CA ARG C 23 -18.72 -4.92 -23.38
C ARG C 23 -17.52 -4.09 -23.83
N VAL C 24 -16.53 -4.78 -24.35
CA VAL C 24 -15.38 -4.15 -24.97
C VAL C 24 -15.81 -3.60 -26.33
N TRP C 25 -15.50 -2.33 -26.59
CA TRP C 25 -15.76 -1.77 -27.93
C TRP C 25 -14.48 -1.50 -28.72
N ALA C 26 -13.34 -1.46 -28.02
CA ALA C 26 -12.06 -1.37 -28.67
C ALA C 26 -10.97 -2.05 -27.83
N TYR C 27 -9.98 -2.59 -28.53
CA TYR C 27 -8.77 -3.10 -27.91
C TYR C 27 -7.56 -2.55 -28.61
N GLY C 28 -6.41 -2.64 -27.96
CA GLY C 28 -5.11 -2.42 -28.60
C GLY C 28 -4.03 -3.28 -27.97
N TYR C 29 -3.06 -3.69 -28.78
CA TYR C 29 -1.84 -4.32 -28.29
C TYR C 29 -0.63 -3.76 -29.06
N MET C 30 0.54 -3.73 -28.40
CA MET C 30 1.76 -3.18 -28.99
C MET C 30 2.97 -3.95 -28.45
N ASN C 31 3.81 -4.45 -29.34
CA ASN C 31 5.05 -5.10 -28.93
C ASN C 31 5.89 -4.08 -28.19
N ILE C 32 6.28 -4.42 -26.96
CA ILE C 32 7.03 -3.52 -26.07
C ILE C 32 8.43 -3.19 -26.57
N GLU C 33 8.99 -4.06 -27.41
CA GLU C 33 10.31 -3.76 -28.02
C GLU C 33 10.28 -3.61 -29.54
N ASP C 34 9.09 -3.38 -30.07
CA ASP C 34 8.90 -3.13 -31.51
C ASP C 34 7.55 -2.45 -31.70
N HIS C 35 7.53 -1.13 -31.53
CA HIS C 35 6.30 -0.32 -31.60
C HIS C 35 5.60 -0.38 -32.97
N SER C 36 6.31 -0.78 -34.01
CA SER C 36 5.72 -1.00 -35.32
C SER C 36 4.84 -2.26 -35.38
N GLU C 37 5.01 -3.16 -34.41
CA GLU C 37 4.08 -4.27 -34.25
C GLU C 37 3.00 -3.91 -33.22
N TYR C 38 1.86 -3.49 -33.73
CA TYR C 38 0.73 -3.08 -32.92
C TYR C 38 -0.54 -3.33 -33.73
N LYS C 39 -1.67 -3.37 -33.04
CA LYS C 39 -2.94 -3.53 -33.70
C LYS C 39 -4.06 -2.93 -32.85
N ILE C 40 -4.90 -2.11 -33.48
CA ILE C 40 -6.12 -1.63 -32.85
C ILE C 40 -7.35 -2.13 -33.63
N GLY C 41 -8.31 -2.69 -32.89
CA GLY C 41 -9.52 -3.29 -33.48
C GLY C 41 -10.73 -3.08 -32.58
N ASN C 42 -11.91 -3.48 -33.05
CA ASN C 42 -13.15 -3.22 -32.32
C ASN C 42 -13.84 -4.45 -31.68
N SER C 43 -13.13 -5.57 -31.61
CA SER C 43 -13.74 -6.87 -31.27
C SER C 43 -12.91 -7.64 -30.25
N LEU C 44 -13.52 -7.99 -29.12
CA LEU C 44 -12.89 -8.82 -28.07
C LEU C 44 -12.61 -10.26 -28.53
N ASP C 45 -13.52 -10.84 -29.30
CA ASP C 45 -13.30 -12.14 -29.97
C ASP C 45 -12.04 -12.13 -30.85
N GLU C 46 -11.84 -11.04 -31.57
CA GLU C 46 -10.65 -10.88 -32.44
C GLU C 46 -9.36 -10.77 -31.61
N PHE C 47 -9.44 -10.00 -30.52
CA PHE C 47 -8.31 -9.87 -29.59
C PHE C 47 -7.97 -11.19 -28.88
N MET C 48 -9.00 -11.86 -28.35
CA MET C 48 -8.83 -13.12 -27.64
C MET C 48 -8.33 -14.25 -28.54
N ALA C 49 -8.64 -14.16 -29.84
CA ALA C 49 -8.09 -15.09 -30.82
C ALA C 49 -6.58 -14.88 -30.97
N TRP C 50 -6.16 -13.62 -30.93
CA TRP C 50 -4.74 -13.29 -30.95
C TRP C 50 -4.06 -13.75 -29.67
N VAL C 51 -4.69 -13.50 -28.53
CA VAL C 51 -4.20 -13.91 -27.22
C VAL C 51 -3.91 -15.41 -27.18
N LEU C 52 -4.83 -16.19 -27.72
CA LEU C 52 -4.71 -17.63 -27.72
C LEU C 52 -3.55 -18.15 -28.56
N LYS C 53 -3.20 -17.47 -29.65
CA LYS C 53 -2.12 -17.96 -30.52
C LYS C 53 -0.76 -17.27 -30.34
N VAL C 54 -0.71 -16.14 -29.62
CA VAL C 54 0.51 -15.32 -29.56
C VAL C 54 1.62 -15.90 -28.66
N GLN C 55 1.25 -16.65 -27.63
CA GLN C 55 2.21 -17.30 -26.72
C GLN C 55 3.21 -16.32 -26.14
N ALA C 56 2.69 -15.28 -25.51
CA ALA C 56 3.49 -14.14 -25.11
C ALA C 56 3.09 -13.70 -23.72
N ASP C 57 3.79 -12.67 -23.24
CA ASP C 57 3.47 -12.00 -21.98
C ASP C 57 2.76 -10.70 -22.30
N LEU C 58 1.56 -10.54 -21.74
CA LEU C 58 0.72 -9.39 -21.95
C LEU C 58 0.62 -8.55 -20.67
N TYR C 59 0.51 -7.23 -20.84
CA TYR C 59 0.32 -6.28 -19.74
C TYR C 59 -0.86 -5.35 -20.02
N PHE C 60 -1.77 -5.29 -19.05
CA PHE C 60 -2.82 -4.27 -19.03
C PHE C 60 -2.58 -3.36 -17.85
N HIS C 61 -2.87 -2.09 -18.02
CA HIS C 61 -2.75 -1.15 -16.93
C HIS C 61 -4.05 -1.16 -16.12
N ASN C 62 -3.95 -1.79 -14.94
CA ASN C 62 -5.08 -2.12 -14.07
C ASN C 62 -5.81 -3.41 -14.56
N LEU C 63 -5.11 -4.54 -14.42
CA LEU C 63 -5.60 -5.86 -14.81
C LEU C 63 -6.94 -6.22 -14.18
N LYS C 64 -7.19 -5.72 -12.97
CA LYS C 64 -8.46 -5.90 -12.27
C LYS C 64 -9.66 -5.51 -13.12
N PHE C 65 -9.50 -4.45 -13.92
CA PHE C 65 -10.60 -3.98 -14.77
C PHE C 65 -10.70 -4.79 -16.09
N ALA C 66 -9.61 -4.86 -16.85
CA ALA C 66 -9.58 -5.60 -18.11
C ALA C 66 -9.78 -7.13 -17.94
N GLY C 67 -9.19 -7.69 -16.88
CA GLY C 67 -9.30 -9.11 -16.55
C GLY C 67 -10.72 -9.60 -16.35
N ALA C 68 -11.60 -8.74 -15.84
CA ALA C 68 -13.02 -9.06 -15.71
C ALA C 68 -13.68 -9.36 -17.07
N PHE C 69 -13.31 -8.58 -18.09
CA PHE C 69 -13.81 -8.77 -19.44
C PHE C 69 -13.20 -10.02 -20.07
N ILE C 70 -11.93 -10.29 -19.74
CA ILE C 70 -11.18 -11.44 -20.24
C ILE C 70 -11.66 -12.76 -19.65
N ILE C 71 -11.88 -12.80 -18.35
CA ILE C 71 -12.40 -14.01 -17.69
C ILE C 71 -13.87 -14.30 -18.10
N ASN C 72 -14.67 -13.26 -18.29
CA ASN C 72 -16.02 -13.40 -18.86
C ASN C 72 -16.02 -14.07 -20.25
N TRP C 73 -15.02 -13.74 -21.07
CA TRP C 73 -14.85 -14.36 -22.38
C TRP C 73 -14.42 -15.83 -22.26
N LEU C 74 -13.40 -16.06 -21.44
CA LEU C 74 -12.87 -17.41 -21.18
C LEU C 74 -13.97 -18.37 -20.69
N GLU C 75 -14.73 -17.94 -19.69
CA GLU C 75 -15.81 -18.73 -19.12
C GLU C 75 -16.94 -19.05 -20.13
N ARG C 76 -17.07 -18.23 -21.17
CA ARG C 76 -18.08 -18.42 -22.22
C ARG C 76 -17.56 -19.20 -23.44
N ASN C 77 -16.26 -19.50 -23.43
CA ASN C 77 -15.59 -20.14 -24.56
C ASN C 77 -14.84 -21.41 -24.17
N GLY C 78 -15.38 -22.14 -23.20
CA GLY C 78 -14.87 -23.47 -22.83
C GLY C 78 -13.64 -23.52 -21.94
N PHE C 79 -13.17 -22.36 -21.49
CA PHE C 79 -12.11 -22.29 -20.48
C PHE C 79 -12.70 -22.22 -19.09
N LYS C 80 -12.26 -23.13 -18.24
CA LYS C 80 -12.60 -23.12 -16.82
C LYS C 80 -11.35 -22.86 -16.00
N TRP C 81 -11.55 -22.53 -14.74
CA TRP C 81 -10.43 -22.25 -13.84
C TRP C 81 -9.76 -23.54 -13.37
N SER C 82 -8.42 -23.55 -13.39
CA SER C 82 -7.61 -24.63 -12.83
C SER C 82 -6.21 -24.13 -12.47
N ALA C 83 -5.73 -24.49 -11.28
CA ALA C 83 -4.33 -24.23 -10.91
C ALA C 83 -3.41 -25.32 -11.46
N ASP C 84 -4.01 -26.49 -11.76
CA ASP C 84 -3.26 -27.68 -12.24
C ASP C 84 -2.82 -27.61 -13.73
N GLY C 85 -2.88 -26.44 -14.34
CA GLY C 85 -2.31 -26.21 -15.67
C GLY C 85 -2.71 -27.23 -16.74
N LEU C 86 -3.99 -27.59 -16.75
CA LEU C 86 -4.56 -28.49 -17.76
C LEU C 86 -4.88 -27.75 -19.06
N PRO C 87 -4.99 -28.49 -20.19
CA PRO C 87 -5.42 -27.86 -21.44
C PRO C 87 -6.80 -27.22 -21.34
N ASN C 88 -7.00 -26.09 -22.03
CA ASN C 88 -8.28 -25.35 -21.99
C ASN C 88 -8.72 -24.88 -20.59
N THR C 89 -7.73 -24.50 -19.78
CA THR C 89 -7.99 -23.85 -18.49
C THR C 89 -7.15 -22.59 -18.34
N TYR C 90 -7.56 -21.75 -17.40
CA TYR C 90 -6.78 -20.59 -17.02
C TYR C 90 -6.53 -20.65 -15.52
N ASN C 91 -5.39 -20.13 -15.13
CA ASN C 91 -5.03 -19.95 -13.74
C ASN C 91 -5.06 -18.45 -13.49
N THR C 92 -5.28 -18.06 -12.25
CA THR C 92 -5.20 -16.65 -11.85
C THR C 92 -4.40 -16.51 -10.57
N ILE C 93 -3.73 -15.37 -10.41
CA ILE C 93 -3.31 -14.93 -9.08
C ILE C 93 -4.14 -13.68 -8.74
N ILE C 94 -5.21 -13.91 -7.99
CA ILE C 94 -6.07 -12.87 -7.43
C ILE C 94 -6.04 -13.07 -5.91
N SER C 95 -5.57 -12.06 -5.20
CA SER C 95 -5.42 -12.15 -3.76
C SER C 95 -6.78 -12.06 -3.05
N ARG C 96 -6.72 -12.36 -1.75
CA ARG C 96 -7.89 -12.44 -0.90
C ARG C 96 -8.49 -11.07 -0.58
N MET C 97 -7.64 -10.08 -0.37
CA MET C 97 -7.99 -8.65 -0.64
C MET C 97 -8.37 -8.17 -2.03
N GLY C 98 -8.20 -9.02 -3.05
CA GLY C 98 -8.69 -8.72 -4.40
C GLY C 98 -7.72 -7.96 -5.29
N GLN C 99 -6.43 -8.22 -5.12
CA GLN C 99 -5.41 -7.70 -6.03
C GLN C 99 -5.20 -8.72 -7.14
N TRP C 100 -5.29 -8.26 -8.38
CA TRP C 100 -5.01 -9.10 -9.56
C TRP C 100 -3.56 -8.91 -10.00
N TYR C 101 -2.87 -10.03 -10.17
CA TYR C 101 -1.46 -10.09 -10.57
C TYR C 101 -1.24 -10.82 -11.89
N MET C 102 -2.10 -11.80 -12.20
CA MET C 102 -1.84 -12.68 -13.33
C MET C 102 -3.09 -13.45 -13.77
N ILE C 103 -3.22 -13.60 -15.09
CA ILE C 103 -4.11 -14.58 -15.72
C ILE C 103 -3.26 -15.39 -16.67
N ASP C 104 -3.23 -16.70 -16.47
CA ASP C 104 -2.35 -17.61 -17.20
C ASP C 104 -3.25 -18.59 -17.98
N ILE C 105 -3.23 -18.45 -19.29
CA ILE C 105 -4.13 -19.18 -20.18
C ILE C 105 -3.40 -20.35 -20.85
N CYS C 106 -3.86 -21.56 -20.54
CA CYS C 106 -3.20 -22.79 -21.01
C CYS C 106 -3.97 -23.43 -22.17
N LEU C 107 -3.30 -23.54 -23.31
CA LEU C 107 -3.86 -24.21 -24.48
C LEU C 107 -3.44 -25.68 -24.58
N GLY C 108 -2.32 -26.01 -23.94
CA GLY C 108 -1.84 -27.39 -23.89
C GLY C 108 -0.33 -27.49 -23.72
N TYR C 109 0.21 -28.60 -24.19
CA TYR C 109 1.64 -28.91 -24.10
C TYR C 109 2.12 -29.52 -25.40
N LYS C 110 3.21 -28.99 -25.94
CA LYS C 110 3.90 -29.60 -27.07
C LYS C 110 5.26 -30.05 -26.56
N GLY C 111 5.37 -31.34 -26.29
CA GLY C 111 6.54 -31.91 -25.64
C GLY C 111 6.57 -31.49 -24.18
N LYS C 112 7.74 -31.07 -23.71
CA LYS C 112 7.90 -30.57 -22.33
C LYS C 112 7.80 -29.05 -22.32
N ARG C 113 6.86 -28.53 -23.09
CA ARG C 113 6.68 -27.09 -23.24
C ARG C 113 5.21 -26.72 -23.14
N LYS C 114 4.90 -25.87 -22.16
CA LYS C 114 3.54 -25.38 -21.97
C LYS C 114 3.17 -24.37 -23.05
N ILE C 115 2.01 -24.55 -23.65
CA ILE C 115 1.50 -23.63 -24.65
C ILE C 115 0.51 -22.70 -23.94
N HIS C 116 0.94 -21.47 -23.69
CA HIS C 116 0.13 -20.56 -22.89
C HIS C 116 0.44 -19.09 -23.14
N THR C 117 -0.54 -18.25 -22.86
CA THR C 117 -0.35 -16.82 -22.84
C THR C 117 -0.58 -16.35 -21.42
N VAL C 118 0.32 -15.49 -20.94
CA VAL C 118 0.25 -14.98 -19.57
C VAL C 118 -0.01 -13.47 -19.60
N ILE C 119 -0.93 -13.02 -18.74
CA ILE C 119 -1.35 -11.63 -18.68
C ILE C 119 -1.06 -11.08 -17.29
N TYR C 120 -0.31 -9.96 -17.25
CA TYR C 120 0.11 -9.30 -16.01
C TYR C 120 -0.48 -7.89 -15.86
N ASP C 121 -0.29 -7.32 -14.68
CA ASP C 121 -0.74 -5.98 -14.32
C ASP C 121 0.46 -5.03 -14.32
N SER C 122 0.44 -4.02 -15.20
CA SER C 122 1.52 -3.06 -15.23
C SER C 122 1.34 -2.03 -14.10
N LEU C 123 0.14 -1.98 -13.50
CA LEU C 123 -0.09 -1.14 -12.32
C LEU C 123 0.73 -1.58 -11.08
N LYS C 124 1.09 -2.85 -11.01
CA LYS C 124 1.93 -3.41 -9.94
C LYS C 124 3.38 -2.94 -10.07
N LYS C 125 3.74 -2.51 -11.27
CA LYS C 125 5.07 -2.05 -11.59
C LYS C 125 5.11 -0.50 -11.59
N LEU C 126 4.00 0.11 -12.02
CA LEU C 126 3.88 1.56 -12.18
C LEU C 126 2.52 2.03 -11.65
N PRO C 127 2.35 2.13 -10.33
CA PRO C 127 1.05 2.41 -9.71
C PRO C 127 0.62 3.87 -9.84
N PHE C 128 0.47 4.33 -11.08
CA PHE C 128 0.08 5.72 -11.39
C PHE C 128 -0.88 5.73 -12.58
N PRO C 129 -1.70 6.79 -12.70
CA PRO C 129 -2.43 7.04 -13.94
C PRO C 129 -1.49 7.13 -15.16
N VAL C 130 -1.99 6.70 -16.32
CA VAL C 130 -1.22 6.73 -17.58
C VAL C 130 -0.61 8.12 -17.91
N LYS C 131 -1.38 9.17 -17.66
CA LYS C 131 -0.91 10.53 -17.97
C LYS C 131 0.22 10.98 -17.04
N LYS C 132 0.18 10.52 -15.79
CA LYS C 132 1.22 10.83 -14.80
C LYS C 132 2.50 10.13 -15.20
N ILE C 133 2.35 8.91 -15.70
CA ILE C 133 3.48 8.13 -16.17
C ILE C 133 4.16 8.83 -17.36
N ALA C 134 3.35 9.35 -18.30
CA ALA C 134 3.86 10.09 -19.46
C ALA C 134 4.55 11.38 -19.08
N LYS C 135 3.92 12.15 -18.20
CA LYS C 135 4.52 13.38 -17.70
C LYS C 135 5.88 13.10 -17.05
N ASP C 136 5.92 12.15 -16.10
CA ASP C 136 7.12 11.97 -15.28
C ASP C 136 8.21 11.16 -15.95
N PHE C 137 7.84 10.22 -16.82
CA PHE C 137 8.84 9.53 -17.67
C PHE C 137 9.25 10.31 -18.93
N LYS C 138 8.59 11.45 -19.16
CA LYS C 138 8.86 12.32 -20.30
C LYS C 138 8.62 11.63 -21.62
N LEU C 139 7.35 11.26 -21.82
CA LEU C 139 6.90 10.52 -22.97
C LEU C 139 5.79 11.31 -23.64
N THR C 140 5.61 11.08 -24.94
CA THR C 140 4.53 11.69 -25.70
C THR C 140 3.16 11.26 -25.17
N VAL C 141 2.34 12.26 -24.86
CA VAL C 141 0.99 12.04 -24.37
C VAL C 141 0.05 12.98 -25.11
N LEU C 142 -1.06 12.43 -25.65
CA LEU C 142 -2.02 13.25 -26.38
C LEU C 142 -2.90 14.05 -25.42
N LYS C 143 -3.31 15.23 -25.85
CA LYS C 143 -4.23 16.06 -25.05
C LYS C 143 -5.65 15.51 -25.09
N GLY C 144 -6.33 15.64 -23.95
CA GLY C 144 -7.73 15.24 -23.82
C GLY C 144 -7.89 13.74 -23.68
N ASP C 145 -9.11 13.28 -23.93
CA ASP C 145 -9.43 11.85 -23.84
C ASP C 145 -10.60 11.44 -24.73
N ILE C 146 -10.78 10.12 -24.85
CA ILE C 146 -11.90 9.51 -25.54
C ILE C 146 -13.22 9.96 -24.89
N ASP C 147 -14.21 10.29 -25.71
CA ASP C 147 -15.55 10.63 -25.23
C ASP C 147 -16.24 9.41 -24.59
N TYR C 148 -16.29 9.38 -23.28
CA TYR C 148 -16.85 8.25 -22.53
C TYR C 148 -18.39 8.17 -22.62
N HIS C 149 -19.00 9.21 -23.22
CA HIS C 149 -20.46 9.30 -23.33
C HIS C 149 -21.04 8.66 -24.61
N LYS C 150 -20.30 8.74 -25.71
CA LYS C 150 -20.84 8.41 -27.03
C LYS C 150 -21.52 7.05 -27.08
N GLU C 151 -22.63 6.99 -27.81
CA GLU C 151 -23.37 5.74 -28.04
C GLU C 151 -22.56 4.87 -28.99
N ARG C 152 -22.31 3.64 -28.58
CA ARG C 152 -21.49 2.70 -29.33
C ARG C 152 -22.18 1.34 -29.34
N PRO C 153 -22.97 1.06 -30.39
CA PRO C 153 -23.57 -0.27 -30.55
C PRO C 153 -22.51 -1.32 -30.86
N VAL C 154 -22.94 -2.58 -30.95
CA VAL C 154 -22.04 -3.66 -31.37
C VAL C 154 -21.62 -3.38 -32.80
N GLY C 155 -20.33 -3.55 -33.08
CA GLY C 155 -19.77 -3.25 -34.39
C GLY C 155 -19.49 -1.77 -34.66
N TYR C 156 -19.67 -0.93 -33.64
CA TYR C 156 -19.29 0.48 -33.70
C TYR C 156 -17.87 0.63 -34.26
N LYS C 157 -17.70 1.58 -35.17
CA LYS C 157 -16.43 1.78 -35.85
C LYS C 157 -15.62 2.89 -35.21
N ILE C 158 -14.37 2.56 -34.90
CA ILE C 158 -13.45 3.43 -34.15
C ILE C 158 -13.04 4.62 -35.02
N THR C 159 -13.18 5.85 -34.51
CA THR C 159 -12.77 7.05 -35.24
C THR C 159 -11.24 7.16 -35.26
N PRO C 160 -10.66 7.94 -36.21
CA PRO C 160 -9.23 8.27 -36.23
C PRO C 160 -8.66 8.80 -34.91
N GLU C 161 -9.43 9.66 -34.25
CA GLU C 161 -9.06 10.25 -32.95
C GLU C 161 -9.01 9.19 -31.83
N GLU C 162 -10.02 8.34 -31.76
CA GLU C 162 -10.06 7.26 -30.76
C GLU C 162 -8.93 6.27 -30.98
N TYR C 163 -8.65 5.97 -32.24
CA TYR C 163 -7.53 5.08 -32.61
C TYR C 163 -6.20 5.64 -32.10
N ALA C 164 -5.99 6.94 -32.26
CA ALA C 164 -4.78 7.64 -31.79
C ALA C 164 -4.62 7.62 -30.24
N TYR C 165 -5.75 7.80 -29.55
CA TYR C 165 -5.79 7.77 -28.09
C TYR C 165 -5.45 6.40 -27.53
N ILE C 166 -6.03 5.37 -28.13
CA ILE C 166 -5.74 4.01 -27.75
C ILE C 166 -4.27 3.64 -27.99
N LYS C 167 -3.76 3.98 -29.18
CA LYS C 167 -2.37 3.73 -29.51
C LYS C 167 -1.43 4.48 -28.55
N ASN C 168 -1.81 5.70 -28.15
CA ASN C 168 -1.01 6.49 -27.21
C ASN C 168 -0.93 5.85 -25.82
N ASP C 169 -2.09 5.43 -25.30
CA ASP C 169 -2.18 4.74 -24.02
C ASP C 169 -1.31 3.48 -23.93
N ILE C 170 -1.35 2.65 -24.97
CA ILE C 170 -0.55 1.40 -24.98
C ILE C 170 0.94 1.66 -25.19
N GLN C 171 1.25 2.70 -25.96
CA GLN C 171 2.65 3.06 -26.21
C GLN C 171 3.32 3.70 -24.98
N ILE C 172 2.55 4.47 -24.21
CA ILE C 172 3.04 5.10 -22.98
C ILE C 172 3.48 4.00 -22.00
N ILE C 173 2.60 3.01 -21.77
CA ILE C 173 2.94 1.92 -20.86
C ILE C 173 4.12 1.10 -21.42
N ALA C 174 4.12 0.87 -22.72
CA ALA C 174 5.22 0.17 -23.39
C ALA C 174 6.57 0.81 -23.14
N GLU C 175 6.63 2.13 -23.33
CA GLU C 175 7.86 2.89 -23.17
C GLU C 175 8.33 2.93 -21.72
N ALA C 176 7.39 3.17 -20.81
CA ALA C 176 7.69 3.23 -19.38
C ALA C 176 8.14 1.87 -18.85
N LEU C 177 7.46 0.81 -19.27
CA LEU C 177 7.82 -0.55 -18.84
C LEU C 177 9.19 -0.91 -19.36
N LEU C 178 9.49 -0.51 -20.59
CA LEU C 178 10.80 -0.80 -21.16
C LEU C 178 11.93 -0.07 -20.44
N ILE C 179 11.68 1.17 -20.01
CA ILE C 179 12.65 1.94 -19.23
C ILE C 179 13.04 1.21 -17.94
N GLN C 180 12.05 0.66 -17.25
CA GLN C 180 12.27 -0.12 -16.03
C GLN C 180 12.97 -1.45 -16.29
N PHE C 181 12.48 -2.22 -17.25
CA PHE C 181 13.11 -3.50 -17.62
C PHE C 181 14.61 -3.41 -17.95
N LYS C 182 15.00 -2.35 -18.68
CA LYS C 182 16.41 -2.16 -19.07
C LYS C 182 17.35 -1.77 -17.92
N GLN C 183 16.79 -1.42 -16.77
CA GLN C 183 17.57 -1.19 -15.55
C GLN C 183 17.71 -2.45 -14.70
N GLY C 184 16.98 -3.50 -15.07
CA GLY C 184 16.99 -4.76 -14.33
C GLY C 184 15.81 -4.86 -13.37
N LEU C 185 14.89 -3.90 -13.45
CA LEU C 185 13.65 -3.93 -12.68
C LEU C 185 12.60 -4.71 -13.48
N ASP C 186 12.84 -6.01 -13.59
CA ASP C 186 12.11 -6.89 -14.53
C ASP C 186 11.15 -7.89 -13.87
N ARG C 187 11.02 -7.84 -12.56
CA ARG C 187 10.14 -8.76 -11.86
C ARG C 187 8.66 -8.37 -11.98
N MET C 188 7.79 -9.14 -11.33
CA MET C 188 6.33 -8.98 -11.45
C MET C 188 5.81 -7.65 -10.89
N THR C 189 6.41 -7.22 -9.78
CA THR C 189 5.95 -6.09 -9.02
C THR C 189 7.15 -5.26 -8.55
N ALA C 190 6.85 -4.06 -8.06
CA ALA C 190 7.86 -3.14 -7.51
C ALA C 190 8.49 -3.66 -6.24
N GLY C 191 7.69 -4.32 -5.42
CA GLY C 191 8.16 -4.92 -4.16
C GLY C 191 9.08 -6.09 -4.41
N SER C 192 8.75 -6.87 -5.43
CA SER C 192 9.60 -7.99 -5.83
C SER C 192 10.99 -7.53 -6.30
N ASP C 193 11.04 -6.46 -7.08
CA ASP C 193 12.32 -5.86 -7.47
C ASP C 193 13.13 -5.34 -6.29
N SER C 194 12.42 -4.87 -5.25
CA SER C 194 13.04 -4.31 -4.05
C SER C 194 13.74 -5.39 -3.25
N LEU C 195 13.03 -6.49 -2.98
CA LEU C 195 13.64 -7.64 -2.30
C LEU C 195 14.77 -8.26 -3.13
N LYS C 196 14.58 -8.38 -4.43
CA LYS C 196 15.66 -8.91 -5.31
C LYS C 196 16.87 -7.98 -5.33
N GLY C 197 16.63 -6.67 -5.35
CA GLY C 197 17.70 -5.67 -5.31
C GLY C 197 18.46 -5.69 -4.00
N PHE C 198 17.75 -5.95 -2.91
CA PHE C 198 18.39 -6.08 -1.60
C PHE C 198 19.27 -7.34 -1.53
N LYS C 199 18.75 -8.46 -2.04
CA LYS C 199 19.53 -9.71 -2.07
C LYS C 199 20.78 -9.61 -2.95
N ASP C 200 20.73 -8.79 -3.99
CA ASP C 200 21.92 -8.55 -4.83
C ASP C 200 23.04 -7.89 -4.03
N ILE C 201 22.68 -6.96 -3.16
CA ILE C 201 23.67 -6.22 -2.37
C ILE C 201 24.30 -7.09 -1.29
N ILE C 202 23.49 -7.64 -0.39
CA ILE C 202 24.03 -8.44 0.72
C ILE C 202 24.46 -9.86 0.34
N THR C 203 24.08 -10.32 -0.86
CA THR C 203 24.32 -11.68 -1.36
C THR C 203 23.21 -12.63 -0.91
N THR C 204 22.79 -13.52 -1.81
CA THR C 204 21.77 -14.52 -1.48
C THR C 204 22.29 -15.49 -0.42
N LYS C 205 23.57 -15.84 -0.55
CA LYS C 205 24.31 -16.62 0.44
C LYS C 205 24.16 -16.09 1.86
N LYS C 206 24.41 -14.79 2.02
CA LYS C 206 24.30 -14.14 3.33
C LYS C 206 22.85 -13.92 3.72
N PHE C 207 21.95 -13.84 2.74
CA PHE C 207 20.56 -13.59 3.04
C PHE C 207 19.96 -14.75 3.84
N LYS C 208 20.11 -15.99 3.35
CA LYS C 208 19.46 -17.14 4.03
C LYS C 208 20.20 -17.64 5.29
N LYS C 209 21.43 -17.15 5.49
CA LYS C 209 22.17 -17.38 6.74
C LYS C 209 21.71 -16.40 7.83
N VAL C 210 21.54 -15.13 7.45
CA VAL C 210 21.15 -14.07 8.39
C VAL C 210 19.62 -13.99 8.59
N PHE C 211 18.88 -14.34 7.54
CA PHE C 211 17.42 -14.31 7.59
C PHE C 211 16.88 -15.69 7.20
N PRO C 212 17.04 -16.68 8.11
CA PRO C 212 16.58 -18.02 7.78
C PRO C 212 15.06 -18.10 7.68
N THR C 213 14.60 -19.03 6.86
CA THR C 213 13.19 -19.30 6.69
C THR C 213 12.70 -20.04 7.92
N LEU C 214 11.75 -19.44 8.61
CA LEU C 214 11.21 -20.03 9.82
C LEU C 214 10.05 -20.95 9.46
N SER C 215 9.80 -21.92 10.33
CA SER C 215 8.64 -22.79 10.18
C SER C 215 7.42 -21.92 10.08
N LEU C 216 6.39 -22.40 9.42
CA LEU C 216 5.13 -21.66 9.32
C LEU C 216 4.56 -21.33 10.71
N GLY C 217 4.67 -22.29 11.64
CA GLY C 217 4.14 -22.12 13.00
C GLY C 217 4.87 -21.07 13.80
N LEU C 218 6.20 -21.12 13.77
CA LEU C 218 7.05 -20.12 14.44
C LEU C 218 6.80 -18.70 13.91
N ASP C 219 6.71 -18.59 12.59
CA ASP C 219 6.41 -17.30 11.94
C ASP C 219 5.04 -16.76 12.35
N LYS C 220 4.09 -17.67 12.55
CA LYS C 220 2.74 -17.32 12.97
C LYS C 220 2.72 -16.66 14.36
N GLU C 221 3.54 -17.17 15.27
CA GLU C 221 3.54 -16.66 16.64
C GLU C 221 4.40 -15.42 16.82
N VAL C 222 5.47 -15.32 16.02
CA VAL C 222 6.17 -14.05 15.83
C VAL C 222 5.17 -12.97 15.38
N ARG C 223 4.34 -13.34 14.42
CA ARG C 223 3.35 -12.43 13.85
C ARG C 223 2.33 -11.94 14.89
N TYR C 224 2.10 -12.68 15.98
CA TYR C 224 1.23 -12.19 17.07
C TYR C 224 1.67 -10.83 17.62
N ALA C 225 2.98 -10.59 17.58
CA ALA C 225 3.58 -9.35 18.09
C ALA C 225 3.73 -8.25 17.02
N TYR C 226 3.12 -8.46 15.85
CA TYR C 226 3.33 -7.60 14.68
C TYR C 226 2.15 -6.64 14.50
N ARG C 227 2.42 -5.36 14.70
CA ARG C 227 1.39 -4.35 14.71
C ARG C 227 1.86 -3.16 13.89
N GLY C 228 0.91 -2.30 13.57
CA GLY C 228 1.11 -1.20 12.62
C GLY C 228 1.44 0.12 13.29
N GLY C 229 0.93 1.21 12.71
CA GLY C 229 1.28 2.56 13.14
C GLY C 229 0.37 3.09 14.20
N PHE C 230 0.93 3.96 15.06
CA PHE C 230 0.15 4.66 16.10
C PHE C 230 -0.70 5.81 15.51
N THR C 231 -2.02 5.62 15.53
CA THR C 231 -3.01 6.55 15.00
C THR C 231 -3.99 6.97 16.11
N TRP C 232 -3.89 8.20 16.57
CA TRP C 232 -4.53 8.61 17.83
C TRP C 232 -4.90 10.08 17.83
N LEU C 233 -6.18 10.34 18.06
CA LEU C 233 -6.71 11.69 18.23
C LEU C 233 -7.01 11.95 19.71
N ASN C 234 -6.24 12.87 20.30
CA ASN C 234 -6.53 13.44 21.62
C ASN C 234 -7.98 13.89 21.72
N ASP C 235 -8.73 13.29 22.65
CA ASP C 235 -10.17 13.54 22.80
C ASP C 235 -10.51 15.01 23.07
N ARG C 236 -9.56 15.70 23.67
CA ARG C 236 -9.65 17.13 23.93
C ARG C 236 -10.03 17.92 22.67
N PHE C 237 -9.50 17.50 21.52
CA PHE C 237 -9.69 18.24 20.26
C PHE C 237 -10.74 17.67 19.31
N LYS C 238 -11.34 16.54 19.67
CA LYS C 238 -12.25 15.83 18.77
C LYS C 238 -13.40 16.73 18.33
N GLU C 239 -13.53 16.93 17.01
CA GLU C 239 -14.66 17.65 16.38
C GLU C 239 -14.69 19.15 16.70
N LYS C 240 -13.56 19.69 17.13
CA LYS C 240 -13.49 21.08 17.51
C LYS C 240 -12.74 21.87 16.47
N GLU C 241 -13.24 23.06 16.15
CA GLU C 241 -12.48 23.95 15.28
C GLU C 241 -11.38 24.55 16.15
N ILE C 242 -10.14 24.42 15.68
CA ILE C 242 -9.01 24.96 16.43
C ILE C 242 -8.21 25.94 15.60
N GLY C 243 -7.39 26.73 16.30
CA GLY C 243 -6.59 27.78 15.68
C GLY C 243 -5.30 27.22 15.14
N GLU C 244 -4.23 28.00 15.29
CA GLU C 244 -2.93 27.68 14.72
C GLU C 244 -2.23 26.46 15.35
N GLY C 245 -1.54 25.72 14.49
CA GLY C 245 -0.79 24.55 14.89
C GLY C 245 0.24 24.19 13.84
N MET C 246 0.93 23.08 14.08
CA MET C 246 2.02 22.63 13.23
C MET C 246 2.10 21.10 13.18
N VAL C 247 2.68 20.61 12.09
CA VAL C 247 2.86 19.20 11.84
C VAL C 247 4.34 18.88 11.70
N PHE C 248 4.78 17.88 12.45
CA PHE C 248 6.11 17.35 12.34
C PHE C 248 6.01 15.98 11.71
N ASP C 249 6.91 15.71 10.76
CA ASP C 249 6.87 14.48 9.96
C ASP C 249 8.25 13.85 9.93
N VAL C 250 8.36 12.60 10.35
CA VAL C 250 9.66 11.92 10.30
C VAL C 250 10.12 11.71 8.85
N ASN C 251 11.41 11.95 8.59
CA ASN C 251 11.99 11.72 7.28
C ASN C 251 12.19 10.21 7.13
N SER C 252 11.28 9.59 6.37
CA SER C 252 11.28 8.15 6.08
C SER C 252 11.41 7.27 7.34
N LEU C 253 10.32 7.15 8.08
CA LEU C 253 10.37 6.62 9.44
C LEU C 253 10.81 5.14 9.49
N TYR C 254 10.20 4.28 8.68
CA TYR C 254 10.53 2.84 8.76
C TYR C 254 11.94 2.53 8.26
N PRO C 255 12.32 3.03 7.06
CA PRO C 255 13.73 2.93 6.62
C PRO C 255 14.75 3.49 7.60
N ALA C 256 14.37 4.57 8.28
CA ALA C 256 15.19 5.17 9.34
C ALA C 256 15.50 4.18 10.47
N GLN C 257 14.51 3.38 10.87
CA GLN C 257 14.72 2.34 11.88
C GLN C 257 15.63 1.25 11.34
N MET C 258 15.34 0.84 10.11
CA MET C 258 16.14 -0.15 9.41
C MET C 258 17.60 0.27 9.32
N TYR C 259 17.84 1.56 9.17
CA TYR C 259 19.20 2.08 9.00
C TYR C 259 20.07 2.05 10.26
N SER C 260 19.49 2.34 11.42
CA SER C 260 20.30 2.52 12.63
C SER C 260 19.88 1.76 13.91
N ARG C 261 18.64 1.26 14.00
CA ARG C 261 18.21 0.51 15.20
C ARG C 261 18.75 -0.92 15.25
N LEU C 262 18.94 -1.43 16.46
CA LEU C 262 19.30 -2.83 16.71
C LEU C 262 18.11 -3.71 16.33
N LEU C 263 18.35 -4.68 15.44
CA LEU C 263 17.26 -5.41 14.79
C LEU C 263 17.57 -6.90 14.74
N PRO C 264 16.54 -7.75 14.81
CA PRO C 264 16.79 -9.20 14.95
C PRO C 264 17.27 -9.89 13.67
N TYR C 265 18.06 -10.93 13.83
CA TYR C 265 18.43 -11.80 12.73
C TYR C 265 18.62 -13.24 13.26
N GLY C 266 18.68 -14.19 12.34
CA GLY C 266 18.89 -15.61 12.67
C GLY C 266 17.66 -16.36 13.15
N GLU C 267 17.89 -17.55 13.70
CA GLU C 267 16.86 -18.36 14.33
C GLU C 267 16.62 -17.89 15.77
N PRO C 268 15.35 -17.77 16.17
CA PRO C 268 15.06 -17.48 17.56
C PRO C 268 15.24 -18.70 18.48
N ILE C 269 15.43 -18.42 19.77
CA ILE C 269 15.40 -19.44 20.81
C ILE C 269 14.14 -19.24 21.64
N VAL C 270 13.39 -20.34 21.82
CA VAL C 270 12.20 -20.34 22.66
C VAL C 270 12.64 -20.26 24.13
N PHE C 271 11.90 -19.49 24.92
CA PHE C 271 12.08 -19.51 26.36
C PHE C 271 10.71 -19.59 27.03
N GLU C 272 10.73 -20.07 28.27
CA GLU C 272 9.53 -20.13 29.10
C GLU C 272 9.60 -19.09 30.20
N GLY C 273 8.43 -18.63 30.62
CA GLY C 273 8.31 -17.56 31.60
C GLY C 273 8.86 -16.22 31.14
N LYS C 274 9.45 -15.48 32.08
CA LYS C 274 9.99 -14.14 31.85
C LYS C 274 11.39 -14.18 31.22
N TYR C 275 11.55 -13.46 30.11
CA TYR C 275 12.85 -13.37 29.43
C TYR C 275 13.96 -12.99 30.40
N VAL C 276 15.07 -13.72 30.34
CA VAL C 276 16.25 -13.42 31.13
C VAL C 276 17.26 -12.80 30.16
N TRP C 277 17.85 -11.67 30.57
CA TRP C 277 18.78 -10.93 29.73
C TRP C 277 19.88 -11.84 29.19
N ASP C 278 20.04 -11.79 27.88
CA ASP C 278 21.06 -12.56 27.16
C ASP C 278 21.70 -11.59 26.18
N GLU C 279 22.94 -11.19 26.46
CA GLU C 279 23.67 -10.23 25.60
C GLU C 279 23.82 -10.72 24.14
N ASP C 280 23.89 -12.05 23.95
CA ASP C 280 23.98 -12.63 22.61
C ASP C 280 22.62 -12.72 21.92
N TYR C 281 21.56 -12.71 22.72
CA TYR C 281 20.18 -12.68 22.23
C TYR C 281 19.45 -11.49 22.87
N PRO C 282 19.85 -10.24 22.52
CA PRO C 282 19.39 -9.01 23.21
C PRO C 282 17.96 -8.52 22.90
N LEU C 283 17.37 -9.04 21.84
CA LEU C 283 16.00 -8.71 21.49
C LEU C 283 15.09 -9.90 21.78
N HIS C 284 13.86 -9.63 22.22
CA HIS C 284 12.89 -10.69 22.44
C HIS C 284 11.45 -10.27 22.19
N ILE C 285 10.60 -11.28 22.05
CA ILE C 285 9.15 -11.14 22.07
C ILE C 285 8.65 -11.92 23.29
N GLN C 286 7.76 -11.28 24.04
CA GLN C 286 7.26 -11.82 25.29
C GLN C 286 5.74 -11.92 25.22
N HIS C 287 5.24 -13.12 25.51
CA HIS C 287 3.83 -13.35 25.75
C HIS C 287 3.52 -13.05 27.22
N ILE C 288 2.61 -12.10 27.43
CA ILE C 288 2.27 -11.62 28.78
C ILE C 288 0.76 -11.61 28.97
N ARG C 289 0.28 -12.03 30.14
CA ARG C 289 -1.09 -11.77 30.57
C ARG C 289 -1.11 -10.73 31.68
N CYS C 290 -2.03 -9.78 31.59
CA CYS C 290 -2.12 -8.73 32.63
C CYS C 290 -3.37 -7.87 32.52
N GLU C 291 -3.62 -7.12 33.59
CA GLU C 291 -4.53 -6.00 33.57
C GLU C 291 -3.70 -4.72 33.65
N PHE C 292 -4.27 -3.61 33.18
CA PHE C 292 -3.53 -2.35 33.09
C PHE C 292 -4.45 -1.13 33.26
N GLU C 293 -3.89 -0.08 33.88
CA GLU C 293 -4.53 1.22 34.05
C GLU C 293 -3.55 2.30 33.57
N LEU C 294 -4.00 3.18 32.68
CA LEU C 294 -3.14 4.24 32.17
C LEU C 294 -2.72 5.19 33.31
N LYS C 295 -1.43 5.56 33.35
CA LYS C 295 -0.94 6.52 34.34
C LYS C 295 -1.35 7.93 33.99
N GLU C 296 -1.57 8.74 35.01
CA GLU C 296 -1.94 10.15 34.87
C GLU C 296 -0.89 10.93 34.07
N GLY C 297 -1.33 11.69 33.08
CA GLY C 297 -0.45 12.51 32.24
C GLY C 297 0.27 11.77 31.11
N TYR C 298 -0.18 10.54 30.82
CA TYR C 298 0.39 9.72 29.74
C TYR C 298 -0.61 9.47 28.62
N ILE C 299 -0.10 9.43 27.39
CA ILE C 299 -0.89 9.03 26.22
C ILE C 299 -1.14 7.50 26.24
N PRO C 300 -2.37 7.07 25.94
CA PRO C 300 -2.63 5.62 25.84
C PRO C 300 -1.98 4.99 24.61
N THR C 301 -1.35 3.84 24.79
CA THR C 301 -0.63 3.17 23.71
C THR C 301 -1.12 1.74 23.43
N ILE C 302 -2.13 1.27 24.17
CA ILE C 302 -2.62 -0.11 24.01
C ILE C 302 -3.89 -0.14 23.19
N GLN C 303 -3.82 -0.91 22.11
CA GLN C 303 -4.95 -1.18 21.25
C GLN C 303 -5.12 -2.71 21.22
N ILE C 304 -6.32 -3.18 21.54
CA ILE C 304 -6.61 -4.63 21.48
C ILE C 304 -7.69 -4.91 20.43
N LYS C 305 -7.30 -5.72 19.45
CA LYS C 305 -8.13 -6.05 18.31
C LYS C 305 -8.71 -7.46 18.42
N ARG C 306 -9.82 -7.65 17.71
CA ARG C 306 -10.53 -8.94 17.64
C ARG C 306 -11.01 -9.40 19.02
N SER C 307 -11.54 -8.46 19.79
CA SER C 307 -12.00 -8.71 21.16
C SER C 307 -13.42 -8.18 21.31
N ARG C 308 -14.27 -8.93 22.02
CA ARG C 308 -15.65 -8.50 22.26
C ARG C 308 -15.75 -7.42 23.34
N PHE C 309 -14.67 -7.24 24.09
CA PHE C 309 -14.64 -6.24 25.17
C PHE C 309 -14.31 -4.84 24.67
N TYR C 310 -13.43 -4.75 23.66
CA TYR C 310 -12.93 -3.45 23.21
C TYR C 310 -13.16 -3.22 21.70
N LYS C 311 -13.41 -1.96 21.36
CA LYS C 311 -13.39 -1.51 19.98
C LYS C 311 -11.94 -1.55 19.51
N GLY C 312 -11.71 -2.18 18.37
CA GLY C 312 -10.36 -2.46 17.89
C GLY C 312 -9.49 -1.24 17.64
N ASN C 313 -10.11 -0.14 17.23
CA ASN C 313 -9.39 1.11 16.92
C ASN C 313 -9.08 1.98 18.15
N GLU C 314 -9.76 1.71 19.27
CA GLU C 314 -9.64 2.56 20.47
C GLU C 314 -8.41 2.26 21.33
N TYR C 315 -7.65 3.30 21.64
CA TYR C 315 -6.51 3.19 22.58
C TYR C 315 -7.04 3.24 24.00
N LEU C 316 -6.58 2.30 24.81
CA LEU C 316 -7.26 1.91 26.05
C LEU C 316 -6.63 2.53 27.28
N LYS C 317 -7.46 3.19 28.07
CA LYS C 317 -7.04 3.73 29.37
C LYS C 317 -7.04 2.63 30.43
N SER C 318 -7.80 1.57 30.18
CA SER C 318 -7.97 0.48 31.13
C SER C 318 -8.36 -0.82 30.43
N SER C 319 -7.96 -1.96 31.04
CA SER C 319 -8.36 -3.28 30.56
C SER C 319 -9.82 -3.60 30.92
N GLY C 320 -10.44 -2.73 31.72
CA GLY C 320 -11.89 -2.77 31.98
C GLY C 320 -12.37 -3.91 32.83
N GLY C 321 -11.43 -4.58 33.51
CA GLY C 321 -11.78 -5.71 34.40
C GLY C 321 -11.62 -7.05 33.73
N GLU C 322 -10.97 -7.08 32.57
CA GLU C 322 -10.67 -8.33 31.86
C GLU C 322 -9.17 -8.48 31.68
N ILE C 323 -8.69 -9.71 31.67
CA ILE C 323 -7.27 -10.04 31.54
C ILE C 323 -6.88 -9.96 30.08
N ALA C 324 -5.88 -9.15 29.76
CA ALA C 324 -5.39 -9.01 28.39
C ALA C 324 -4.26 -10.01 28.15
N ASP C 325 -4.36 -10.75 27.06
CA ASP C 325 -3.27 -11.57 26.51
C ASP C 325 -2.56 -10.74 25.44
N LEU C 326 -1.27 -10.47 25.63
CA LEU C 326 -0.52 -9.62 24.72
C LEU C 326 0.81 -10.25 24.32
N TRP C 327 1.14 -10.14 23.05
CA TRP C 327 2.45 -10.55 22.55
C TRP C 327 3.21 -9.30 22.16
N LEU C 328 4.37 -9.10 22.76
CA LEU C 328 5.03 -7.79 22.72
C LEU C 328 6.53 -7.91 22.53
N SER C 329 7.07 -7.11 21.61
CA SER C 329 8.52 -6.92 21.53
C SER C 329 8.98 -6.25 22.80
N ASN C 330 10.27 -6.37 23.10
CA ASN C 330 10.86 -5.70 24.25
C ASN C 330 10.74 -4.15 24.20
N VAL C 331 10.72 -3.59 22.99
CA VAL C 331 10.58 -2.14 22.79
C VAL C 331 9.17 -1.72 23.19
N ASP C 332 8.18 -2.53 22.79
CA ASP C 332 6.77 -2.31 23.11
C ASP C 332 6.44 -2.50 24.59
N LEU C 333 6.99 -3.57 25.17
CA LEU C 333 6.82 -3.87 26.60
C LEU C 333 7.39 -2.76 27.48
N GLU C 334 8.58 -2.27 27.15
CA GLU C 334 9.18 -1.13 27.86
C GLU C 334 8.32 0.14 27.75
N LEU C 335 7.80 0.42 26.56
CA LEU C 335 6.90 1.56 26.38
C LEU C 335 5.61 1.41 27.19
N MET C 336 5.02 0.21 27.15
CA MET C 336 3.79 -0.07 27.90
C MET C 336 3.96 0.16 29.39
N LYS C 337 5.08 -0.32 29.92
CA LYS C 337 5.44 -0.17 31.33
C LYS C 337 5.69 1.29 31.75
N GLU C 338 6.12 2.15 30.84
CA GLU C 338 6.30 3.59 31.14
C GLU C 338 4.95 4.31 31.20
N HIS C 339 4.00 3.90 30.37
CA HIS C 339 2.70 4.58 30.28
C HIS C 339 1.59 4.00 31.19
N TYR C 340 1.75 2.75 31.62
CA TYR C 340 0.69 2.05 32.32
C TYR C 340 1.16 1.42 33.62
N ASP C 341 0.27 1.42 34.61
CA ASP C 341 0.40 0.58 35.79
C ASP C 341 -0.15 -0.82 35.47
N LEU C 342 0.62 -1.85 35.80
CA LEU C 342 0.27 -3.23 35.49
C LEU C 342 -0.18 -4.03 36.74
N TYR C 343 -1.18 -4.89 36.53
CA TYR C 343 -1.79 -5.69 37.59
C TYR C 343 -1.92 -7.15 37.14
N ASN C 344 -1.76 -8.06 38.09
CA ASN C 344 -1.88 -9.50 37.85
C ASN C 344 -1.07 -9.97 36.65
N VAL C 345 0.21 -9.64 36.65
CA VAL C 345 1.09 -9.92 35.53
C VAL C 345 1.52 -11.39 35.52
N GLU C 346 1.37 -12.06 34.37
CA GLU C 346 1.91 -13.40 34.15
C GLU C 346 2.82 -13.38 32.91
N TYR C 347 4.08 -13.74 33.09
CA TYR C 347 4.99 -13.92 31.97
C TYR C 347 4.92 -15.38 31.55
N ILE C 348 4.33 -15.62 30.37
CA ILE C 348 3.99 -16.97 29.93
C ILE C 348 5.15 -17.62 29.18
N SER C 349 5.53 -17.03 28.04
CA SER C 349 6.65 -17.52 27.25
C SER C 349 7.10 -16.47 26.27
N GLY C 350 8.10 -16.80 25.47
CA GLY C 350 8.53 -15.92 24.43
C GLY C 350 9.60 -16.50 23.52
N LEU C 351 10.16 -15.62 22.71
CA LEU C 351 11.20 -15.93 21.72
C LEU C 351 12.23 -14.81 21.82
N LYS C 352 13.51 -15.18 21.84
CA LYS C 352 14.60 -14.20 21.87
C LYS C 352 15.45 -14.30 20.59
N PHE C 353 15.97 -13.17 20.13
CA PHE C 353 16.69 -13.09 18.84
C PHE C 353 18.09 -12.49 18.99
N LYS C 354 19.03 -13.03 18.22
CA LYS C 354 20.29 -12.37 17.93
C LYS C 354 19.96 -11.02 17.30
N ALA C 355 20.87 -10.08 17.38
CA ALA C 355 20.59 -8.75 16.87
C ALA C 355 21.86 -8.06 16.36
N THR C 356 21.67 -7.18 15.39
CA THR C 356 22.75 -6.31 14.89
C THR C 356 22.21 -5.03 14.26
N THR C 357 23.12 -4.14 13.86
CA THR C 357 22.77 -2.91 13.16
C THR C 357 23.43 -2.91 11.79
N GLY C 358 22.84 -2.14 10.87
CA GLY C 358 23.50 -1.78 9.62
C GLY C 358 23.40 -2.75 8.45
N LEU C 359 22.44 -3.69 8.51
CA LEU C 359 22.24 -4.64 7.41
C LEU C 359 21.64 -4.00 6.15
N PHE C 360 20.92 -2.89 6.32
CA PHE C 360 20.22 -2.23 5.22
C PHE C 360 20.89 -0.95 4.72
N LYS C 361 22.12 -0.71 5.14
CA LYS C 361 22.82 0.55 4.88
C LYS C 361 22.86 0.90 3.39
N ASP C 362 23.51 0.05 2.61
CA ASP C 362 23.81 0.32 1.20
C ASP C 362 22.54 0.39 0.37
N PHE C 363 21.57 -0.45 0.68
CA PHE C 363 20.30 -0.42 -0.01
C PHE C 363 19.56 0.91 0.23
N ILE C 364 19.56 1.37 1.48
CA ILE C 364 18.89 2.62 1.83
C ILE C 364 19.64 3.85 1.34
N ASP C 365 20.98 3.82 1.42
CA ASP C 365 21.81 4.87 0.82
C ASP C 365 21.54 5.04 -0.67
N LYS C 366 21.33 3.92 -1.36
CA LYS C 366 21.07 3.95 -2.80
C LYS C 366 19.75 4.60 -3.14
N TRP C 367 18.69 4.16 -2.47
CA TRP C 367 17.32 4.56 -2.81
C TRP C 367 16.88 5.88 -2.20
N THR C 368 17.51 6.28 -1.10
CA THR C 368 17.27 7.62 -0.55
C THR C 368 17.92 8.67 -1.46
N TYR C 369 19.06 8.33 -2.07
CA TYR C 369 19.72 9.19 -3.03
C TYR C 369 18.90 9.32 -4.32
N ILE C 370 18.40 8.20 -4.83
CA ILE C 370 17.53 8.21 -6.01
C ILE C 370 16.25 9.02 -5.74
N LYS C 371 15.66 8.83 -4.55
CA LYS C 371 14.46 9.59 -4.15
C LYS C 371 14.69 11.12 -4.11
N THR C 372 15.83 11.53 -3.53
CA THR C 372 16.19 12.94 -3.37
C THR C 372 16.47 13.64 -4.70
N THR C 373 17.08 12.92 -5.63
CA THR C 373 17.44 13.47 -6.93
C THR C 373 16.38 13.25 -8.02
N SER C 374 15.21 12.76 -7.63
CA SER C 374 14.13 12.45 -8.57
C SER C 374 12.85 13.23 -8.28
N GLU C 375 11.92 13.18 -9.25
CA GLU C 375 10.69 13.95 -9.20
C GLU C 375 9.50 13.07 -9.54
N GLY C 376 8.31 13.48 -9.11
CA GLY C 376 7.06 12.84 -9.45
C GLY C 376 7.02 11.33 -9.22
N ALA C 377 6.50 10.62 -10.22
CA ALA C 377 6.35 9.18 -10.20
C ALA C 377 7.67 8.46 -9.93
N ILE C 378 8.76 9.00 -10.47
CA ILE C 378 10.11 8.43 -10.31
C ILE C 378 10.57 8.50 -8.84
N LYS C 379 10.26 9.61 -8.19
CA LYS C 379 10.48 9.78 -6.76
C LYS C 379 9.61 8.82 -5.94
N GLN C 380 8.34 8.71 -6.30
CA GLN C 380 7.42 7.82 -5.59
C GLN C 380 7.83 6.34 -5.72
N LEU C 381 8.47 6.00 -6.83
CA LEU C 381 8.97 4.65 -7.07
C LEU C 381 10.16 4.32 -6.18
N ALA C 382 11.06 5.29 -5.98
CA ALA C 382 12.20 5.14 -5.06
C ALA C 382 11.70 5.03 -3.61
N LYS C 383 10.74 5.87 -3.27
CA LYS C 383 10.04 5.78 -2.01
C LYS C 383 9.46 4.34 -1.81
N LEU C 384 8.87 3.77 -2.87
CA LEU C 384 8.24 2.44 -2.81
C LEU C 384 9.27 1.32 -2.66
N MET C 385 10.42 1.46 -3.28
CA MET C 385 11.50 0.50 -3.07
C MET C 385 11.86 0.40 -1.59
N LEU C 386 12.02 1.55 -0.95
CA LEU C 386 12.35 1.61 0.47
C LEU C 386 11.25 1.00 1.34
N ASN C 387 10.00 1.39 1.10
CA ASN C 387 8.89 0.94 1.93
C ASN C 387 8.44 -0.52 1.70
N SER C 388 8.57 -1.02 0.46
CA SER C 388 8.17 -2.38 0.12
C SER C 388 9.20 -3.39 0.60
N LEU C 389 10.43 -2.93 0.82
CA LEU C 389 11.44 -3.79 1.43
C LEU C 389 11.02 -4.19 2.85
N TYR C 390 10.59 -3.23 3.67
CA TYR C 390 10.07 -3.51 5.01
C TYR C 390 8.86 -4.47 4.93
N GLY C 391 7.94 -4.18 4.01
CA GLY C 391 6.75 -4.99 3.82
C GLY C 391 7.11 -6.38 3.39
N LYS C 392 8.06 -6.50 2.45
CA LYS C 392 8.48 -7.83 1.99
C LYS C 392 8.97 -8.74 3.14
N PHE C 393 9.70 -8.17 4.10
CA PHE C 393 10.18 -8.93 5.26
C PHE C 393 9.02 -9.49 6.07
N ALA C 394 7.96 -8.70 6.16
CA ALA C 394 6.76 -9.10 6.89
C ALA C 394 5.65 -9.69 5.98
N SER C 395 6.02 -10.14 4.78
CA SER C 395 5.10 -10.85 3.88
C SER C 395 4.37 -11.97 4.61
N ASN C 396 3.04 -11.93 4.60
CA ASN C 396 2.21 -12.99 5.15
C ASN C 396 2.30 -14.23 4.24
N PRO C 397 2.76 -15.38 4.79
CA PRO C 397 2.86 -16.61 4.02
C PRO C 397 1.50 -17.20 3.57
N ASP C 398 0.40 -16.73 4.16
CA ASP C 398 -0.94 -17.06 3.70
C ASP C 398 -1.23 -16.36 2.38
N VAL C 399 -1.12 -17.12 1.29
CA VAL C 399 -1.35 -16.60 -0.06
C VAL C 399 -2.61 -17.24 -0.70
N THR C 400 -3.53 -17.73 0.13
CA THR C 400 -4.86 -18.15 -0.32
C THR C 400 -5.56 -16.98 -1.01
N GLY C 401 -6.01 -17.20 -2.24
CA GLY C 401 -6.67 -16.15 -3.02
C GLY C 401 -8.11 -16.44 -3.40
N LYS C 402 -8.58 -15.73 -4.41
CA LYS C 402 -9.95 -15.87 -4.92
C LYS C 402 -9.97 -16.62 -6.24
N VAL C 403 -11.00 -17.46 -6.41
CA VAL C 403 -11.23 -18.23 -7.64
C VAL C 403 -12.47 -17.64 -8.34
N PRO C 404 -12.29 -17.17 -9.59
CA PRO C 404 -13.44 -16.67 -10.33
C PRO C 404 -14.35 -17.80 -10.85
N TYR C 405 -15.64 -17.52 -10.89
CA TYR C 405 -16.60 -18.41 -11.53
C TYR C 405 -17.70 -17.57 -12.17
N LEU C 406 -18.42 -18.17 -13.13
CA LEU C 406 -19.50 -17.49 -13.83
C LEU C 406 -20.83 -17.80 -13.12
N LYS C 407 -21.45 -16.77 -12.58
CA LYS C 407 -22.75 -16.89 -11.92
C LYS C 407 -23.84 -17.17 -12.95
N GLU C 408 -25.01 -17.55 -12.44
CA GLU C 408 -26.16 -17.92 -13.25
C GLU C 408 -26.70 -16.73 -14.07
N ASN C 409 -26.44 -15.51 -13.61
CA ASN C 409 -26.91 -14.28 -14.28
C ASN C 409 -25.97 -13.72 -15.36
N GLY C 410 -24.80 -14.34 -15.52
CA GLY C 410 -23.82 -13.92 -16.54
C GLY C 410 -22.64 -13.12 -16.00
N ALA C 411 -22.69 -12.81 -14.71
CA ALA C 411 -21.66 -11.99 -14.05
C ALA C 411 -20.64 -12.86 -13.34
N LEU C 412 -19.42 -12.36 -13.23
CA LEU C 412 -18.38 -13.06 -12.49
C LEU C 412 -18.64 -13.00 -11.00
N GLY C 413 -18.49 -14.17 -10.37
CA GLY C 413 -18.49 -14.29 -8.92
C GLY C 413 -17.11 -14.74 -8.49
N PHE C 414 -16.83 -14.64 -7.19
CA PHE C 414 -15.58 -15.11 -6.64
C PHE C 414 -15.78 -15.94 -5.40
N ARG C 415 -15.02 -17.02 -5.29
CA ARG C 415 -15.01 -17.89 -4.12
C ARG C 415 -13.61 -17.90 -3.54
N LEU C 416 -13.52 -18.07 -2.22
CA LEU C 416 -12.24 -18.27 -1.56
C LEU C 416 -11.66 -19.61 -2.06
N GLY C 417 -10.41 -19.60 -2.47
CA GLY C 417 -9.76 -20.79 -3.02
C GLY C 417 -9.25 -21.74 -1.94
N GLU C 418 -8.64 -22.83 -2.38
CA GLU C 418 -7.98 -23.77 -1.48
C GLU C 418 -6.85 -23.06 -0.74
N GLU C 419 -6.75 -23.33 0.55
CA GLU C 419 -5.73 -22.71 1.41
C GLU C 419 -4.35 -22.97 0.83
N GLU C 420 -3.53 -21.92 0.68
CA GLU C 420 -2.12 -22.16 0.34
C GLU C 420 -1.13 -21.19 0.95
N THR C 421 0.10 -21.68 1.09
CA THR C 421 1.18 -20.94 1.74
C THR C 421 2.44 -20.85 0.89
N LYS C 422 3.22 -19.80 1.13
CA LYS C 422 4.58 -19.66 0.60
C LYS C 422 5.50 -19.52 1.79
N ASP C 423 6.80 -19.68 1.58
CA ASP C 423 7.75 -19.55 2.69
C ASP C 423 7.72 -18.12 3.25
N PRO C 424 7.86 -17.98 4.58
CA PRO C 424 8.06 -16.66 5.14
C PRO C 424 9.38 -16.03 4.65
N VAL C 425 9.50 -14.71 4.78
CA VAL C 425 10.77 -14.03 4.49
C VAL C 425 11.53 -13.89 5.82
N TYR C 426 11.24 -12.85 6.60
CA TYR C 426 11.77 -12.73 7.96
C TYR C 426 10.96 -11.74 8.78
N THR C 427 9.84 -12.25 9.31
CA THR C 427 8.84 -11.45 9.99
C THR C 427 9.30 -10.80 11.29
N PRO C 428 10.28 -11.38 12.00
CA PRO C 428 10.80 -10.63 13.15
C PRO C 428 11.23 -9.20 12.82
N MET C 429 11.84 -9.02 11.64
CA MET C 429 12.21 -7.68 11.17
C MET C 429 11.03 -6.71 11.17
N GLY C 430 9.93 -7.14 10.56
CA GLY C 430 8.70 -6.36 10.52
C GLY C 430 8.21 -5.96 11.91
N VAL C 431 8.27 -6.92 12.85
CA VAL C 431 7.84 -6.69 14.24
C VAL C 431 8.59 -5.53 14.90
N PHE C 432 9.91 -5.53 14.77
CA PHE C 432 10.78 -4.57 15.46
C PHE C 432 10.94 -3.23 14.71
N ILE C 433 10.70 -3.23 13.40
CA ILE C 433 10.71 -2.00 12.62
C ILE C 433 9.52 -1.12 13.04
N THR C 434 8.33 -1.71 13.06
CA THR C 434 7.15 -0.98 13.51
C THR C 434 7.21 -0.62 14.99
N ALA C 435 7.84 -1.48 15.78
CA ALA C 435 8.06 -1.27 17.20
C ALA C 435 8.97 -0.06 17.45
N TRP C 436 10.12 -0.04 16.82
CA TRP C 436 11.04 1.10 16.95
C TRP C 436 10.41 2.40 16.44
N ALA C 437 9.50 2.28 15.47
CA ALA C 437 8.83 3.42 14.89
C ALA C 437 7.76 3.96 15.81
N ARG C 438 6.99 3.06 16.44
CA ARG C 438 6.01 3.47 17.46
C ARG C 438 6.73 4.18 18.59
N TYR C 439 7.85 3.62 19.01
CA TYR C 439 8.68 4.18 20.05
C TYR C 439 9.07 5.63 19.68
N THR C 440 9.67 5.79 18.49
CA THR C 440 10.06 7.12 17.97
C THR C 440 8.91 8.12 18.08
N THR C 441 7.75 7.73 17.56
CA THR C 441 6.59 8.61 17.45
C THR C 441 5.90 8.90 18.78
N ILE C 442 5.71 7.85 19.57
CA ILE C 442 5.00 7.98 20.85
C ILE C 442 5.78 8.81 21.86
N THR C 443 7.11 8.62 21.90
CA THR C 443 7.95 9.34 22.86
C THR C 443 8.02 10.85 22.55
N ALA C 444 7.96 11.18 21.27
CA ALA C 444 7.91 12.56 20.83
C ALA C 444 6.56 13.17 21.15
N ALA C 445 5.49 12.42 20.88
CA ALA C 445 4.13 12.84 21.24
C ALA C 445 4.00 13.08 22.75
N GLN C 446 4.56 12.16 23.52
CA GLN C 446 4.54 12.22 24.97
C GLN C 446 5.35 13.41 25.54
N ALA C 447 6.47 13.73 24.88
CA ALA C 447 7.29 14.87 25.27
C ALA C 447 6.57 16.19 25.01
N CYS C 448 5.63 16.19 24.06
CA CYS C 448 4.81 17.37 23.72
C CYS C 448 3.38 17.25 24.22
N TYR C 449 3.20 16.48 25.29
CA TYR C 449 1.89 16.18 25.87
C TYR C 449 0.95 17.40 26.01
N ASP C 450 1.47 18.51 26.51
CA ASP C 450 0.65 19.74 26.67
C ASP C 450 0.13 20.36 25.36
N ARG C 451 0.75 20.01 24.23
CA ARG C 451 0.38 20.54 22.90
C ARG C 451 -0.12 19.50 21.89
N ILE C 452 0.08 18.21 22.16
CA ILE C 452 -0.30 17.14 21.23
C ILE C 452 -1.80 17.15 20.86
N ILE C 453 -2.08 17.16 19.57
CA ILE C 453 -3.43 17.02 19.02
C ILE C 453 -3.67 15.61 18.48
N TYR C 454 -2.68 15.08 17.76
CA TYR C 454 -2.95 13.99 16.82
C TYR C 454 -1.64 13.36 16.38
N CYS C 455 -1.68 12.04 16.22
CA CYS C 455 -0.59 11.26 15.62
C CYS C 455 -1.16 10.31 14.59
N ASP C 456 -0.45 10.16 13.46
CA ASP C 456 -0.63 9.02 12.59
C ASP C 456 0.73 8.53 12.07
N THR C 457 1.28 7.54 12.78
CA THR C 457 2.45 6.73 12.35
C THR C 457 3.79 7.44 12.45
N ASP C 458 3.98 8.46 11.63
CA ASP C 458 5.30 9.11 11.48
C ASP C 458 5.24 10.61 11.74
N SER C 459 4.19 11.04 12.44
CA SER C 459 3.86 12.44 12.47
C SER C 459 3.17 12.85 13.77
N ILE C 460 3.46 14.07 14.20
CA ILE C 460 2.78 14.66 15.36
C ILE C 460 2.20 16.02 14.97
N HIS C 461 0.94 16.23 15.34
CA HIS C 461 0.24 17.49 15.12
C HIS C 461 0.10 18.21 16.45
N LEU C 462 0.60 19.45 16.49
CA LEU C 462 0.67 20.25 17.73
C LEU C 462 -0.09 21.57 17.63
N THR C 463 -0.57 22.06 18.76
CA THR C 463 -1.10 23.42 18.86
C THR C 463 0.07 24.40 18.88
N GLY C 464 -0.19 25.64 18.43
CA GLY C 464 0.86 26.66 18.38
C GLY C 464 1.81 26.46 17.21
N THR C 465 2.74 27.39 17.02
CA THR C 465 3.54 27.49 15.80
C THR C 465 5.05 27.52 16.00
N GLU C 466 5.52 27.42 17.24
CA GLU C 466 6.96 27.34 17.52
C GLU C 466 7.40 25.91 17.88
N ILE C 467 8.60 25.55 17.46
CA ILE C 467 9.14 24.21 17.74
C ILE C 467 9.35 24.04 19.24
N PRO C 468 8.78 22.98 19.84
CA PRO C 468 9.05 22.75 21.26
C PRO C 468 10.53 22.57 21.51
N ASP C 469 11.04 23.18 22.58
CA ASP C 469 12.45 23.10 22.93
C ASP C 469 12.90 21.65 23.26
N VAL C 470 11.97 20.84 23.75
CA VAL C 470 12.28 19.45 24.08
C VAL C 470 12.60 18.55 22.87
N ILE C 471 12.11 18.90 21.67
CA ILE C 471 12.44 18.15 20.43
C ILE C 471 13.35 18.90 19.44
N LYS C 472 13.82 20.11 19.80
CA LYS C 472 14.64 20.94 18.90
C LYS C 472 15.86 20.20 18.32
N ASP C 473 16.47 19.35 19.14
CA ASP C 473 17.69 18.66 18.74
C ASP C 473 17.45 17.44 17.84
N ILE C 474 16.18 17.06 17.64
CA ILE C 474 15.86 15.94 16.72
C ILE C 474 14.98 16.41 15.55
N VAL C 475 14.92 17.72 15.34
CA VAL C 475 14.24 18.32 14.19
C VAL C 475 15.25 18.64 13.11
N ASP C 476 14.94 18.26 11.87
CA ASP C 476 15.76 18.58 10.70
C ASP C 476 14.90 18.36 9.45
N PRO C 477 15.01 19.26 8.43
CA PRO C 477 14.18 19.12 7.23
C PRO C 477 14.55 17.99 6.25
N LYS C 478 15.71 17.35 6.44
CA LYS C 478 16.20 16.36 5.48
C LYS C 478 16.78 15.07 6.08
N LYS C 479 17.48 15.17 7.22
CA LYS C 479 18.12 14.01 7.86
C LYS C 479 17.16 12.83 8.12
N LEU C 480 17.59 11.66 7.63
CA LEU C 480 16.87 10.42 7.81
C LEU C 480 16.58 10.14 9.28
N GLY C 481 15.33 9.87 9.61
CA GLY C 481 14.96 9.54 10.97
C GLY C 481 14.62 10.72 11.86
N TYR C 482 14.96 11.93 11.42
CA TYR C 482 14.64 13.15 12.14
C TYR C 482 13.23 13.61 11.86
N TRP C 483 12.75 14.52 12.70
CA TRP C 483 11.47 15.14 12.48
C TRP C 483 11.63 16.41 11.64
N ALA C 484 10.83 16.50 10.58
CA ALA C 484 10.76 17.72 9.78
C ALA C 484 9.53 18.48 10.26
N HIS C 485 9.70 19.76 10.57
CA HIS C 485 8.56 20.67 10.66
C HIS C 485 8.03 20.83 9.23
N GLU C 486 6.94 20.12 8.93
CA GLU C 486 6.48 20.02 7.54
C GLU C 486 5.59 21.20 7.18
N SER C 487 4.64 21.52 8.05
CA SER C 487 3.73 22.62 7.79
C SER C 487 3.23 23.30 9.05
N THR C 488 2.62 24.45 8.86
CA THR C 488 1.92 25.20 9.90
C THR C 488 0.54 25.55 9.35
N PHE C 489 -0.49 25.35 10.16
CA PHE C 489 -1.85 25.67 9.74
C PHE C 489 -2.43 26.86 10.53
N LYS C 490 -3.34 27.57 9.88
CA LYS C 490 -4.03 28.73 10.44
C LYS C 490 -5.19 28.28 11.33
N ARG C 491 -5.92 27.26 10.86
CA ARG C 491 -6.97 26.60 11.62
C ARG C 491 -7.13 25.16 11.15
N ALA C 492 -7.80 24.36 11.97
CA ALA C 492 -8.03 22.93 11.69
C ALA C 492 -9.27 22.37 12.39
N LYS C 493 -9.72 21.20 11.91
CA LYS C 493 -10.76 20.41 12.56
C LYS C 493 -10.50 18.93 12.34
N TYR C 494 -10.26 18.21 13.44
CA TYR C 494 -10.04 16.74 13.45
C TYR C 494 -11.28 16.05 13.98
N LEU C 495 -11.93 15.23 13.16
CA LEU C 495 -13.19 14.57 13.57
C LEU C 495 -12.94 13.22 14.26
N ARG C 496 -11.89 12.54 13.83
CA ARG C 496 -11.57 11.18 14.24
C ARG C 496 -10.26 10.79 13.57
N GLN C 497 -9.82 9.55 13.80
CA GLN C 497 -8.64 8.98 13.13
C GLN C 497 -8.74 9.09 11.60
N LYS C 498 -7.63 9.52 10.99
CA LYS C 498 -7.48 9.65 9.53
C LYS C 498 -8.55 10.55 8.86
N THR C 499 -9.14 11.45 9.65
CA THR C 499 -10.28 12.26 9.24
C THR C 499 -10.18 13.70 9.79
N TYR C 500 -9.54 14.58 9.01
CA TYR C 500 -9.27 15.93 9.45
C TYR C 500 -9.02 16.87 8.28
N ILE C 501 -9.16 18.16 8.56
CA ILE C 501 -8.95 19.23 7.58
C ILE C 501 -8.04 20.33 8.16
N GLN C 502 -7.27 20.98 7.29
CA GLN C 502 -6.35 22.06 7.69
C GLN C 502 -6.30 23.19 6.66
N ASP C 503 -6.17 24.41 7.17
CA ASP C 503 -5.87 25.59 6.39
C ASP C 503 -4.39 25.89 6.53
N ILE C 504 -3.60 25.47 5.55
CA ILE C 504 -2.13 25.53 5.61
C ILE C 504 -1.54 26.84 5.04
N TYR C 505 -0.58 27.41 5.75
CA TYR C 505 0.16 28.60 5.27
C TYR C 505 1.10 28.26 4.12
N MET C 506 0.86 28.87 2.96
CA MET C 506 1.71 28.66 1.79
C MET C 506 2.35 29.97 1.35
N LYS C 507 3.47 29.85 0.62
CA LYS C 507 4.14 30.99 0.02
C LYS C 507 4.62 30.57 -1.36
N GLU C 508 4.76 31.55 -2.24
CA GLU C 508 5.21 31.29 -3.59
C GLU C 508 6.72 31.46 -3.68
N VAL C 509 7.35 30.65 -4.52
CA VAL C 509 8.80 30.65 -4.65
C VAL C 509 9.19 31.16 -6.07
N ASP C 510 9.34 30.21 -6.99
CA ASP C 510 9.41 30.49 -8.41
C ASP C 510 8.09 30.04 -9.02
N GLY C 511 7.02 30.80 -8.78
CA GLY C 511 5.70 30.43 -9.29
C GLY C 511 5.12 29.13 -8.74
N LYS C 512 5.80 28.54 -7.75
CA LYS C 512 5.37 27.27 -7.13
C LYS C 512 5.02 27.52 -5.66
N LEU C 513 3.88 26.98 -5.23
CA LEU C 513 3.42 27.11 -3.83
C LEU C 513 4.16 26.20 -2.87
N VAL C 514 4.76 26.80 -1.85
CA VAL C 514 5.58 26.10 -0.87
C VAL C 514 5.06 26.39 0.54
N GLU C 515 5.25 25.44 1.46
CA GLU C 515 4.86 25.63 2.86
C GLU C 515 5.58 26.82 3.48
N GLY C 516 4.81 27.72 4.08
CA GLY C 516 5.33 28.91 4.75
C GLY C 516 4.91 28.99 6.21
N SER C 517 5.15 30.15 6.82
CA SER C 517 4.91 30.37 8.25
C SER C 517 3.89 31.50 8.44
N PRO C 518 3.34 31.67 9.65
CA PRO C 518 2.35 32.72 9.91
C PRO C 518 2.78 34.17 9.57
N ASP C 519 4.07 34.44 9.42
CA ASP C 519 4.55 35.77 9.01
C ASP C 519 5.08 35.79 7.57
N ASP C 520 5.53 34.64 7.10
CA ASP C 520 6.07 34.50 5.76
C ASP C 520 5.14 33.60 4.95
N TYR C 521 3.98 34.15 4.58
CA TYR C 521 3.00 33.44 3.75
C TYR C 521 2.23 34.40 2.85
N THR C 522 1.83 33.91 1.68
CA THR C 522 1.01 34.65 0.72
C THR C 522 -0.35 33.98 0.39
N ASP C 523 -0.43 32.66 0.59
N ASP C 523 -0.41 32.66 0.57
CA ASP C 523 -1.61 31.87 0.20
CA ASP C 523 -1.61 31.90 0.23
C ASP C 523 -1.99 30.90 1.32
C ASP C 523 -2.01 30.94 1.36
N ILE C 524 -3.26 30.51 1.34
CA ILE C 524 -3.76 29.52 2.30
C ILE C 524 -4.31 28.33 1.52
N LYS C 525 -3.71 27.15 1.73
CA LYS C 525 -4.15 25.92 1.08
C LYS C 525 -5.10 25.11 1.98
N PHE C 526 -6.28 24.80 1.46
CA PHE C 526 -7.21 23.91 2.14
C PHE C 526 -6.84 22.46 1.85
N SER C 527 -6.50 21.71 2.92
CA SER C 527 -6.15 20.31 2.81
C SER C 527 -7.15 19.40 3.57
N VAL C 528 -7.57 18.33 2.90
CA VAL C 528 -8.52 17.35 3.42
C VAL C 528 -7.85 15.98 3.49
N LYS C 529 -7.83 15.40 4.68
CA LYS C 529 -7.38 14.01 4.90
C LYS C 529 -8.54 13.21 5.47
N CYS C 530 -8.99 12.22 4.72
CA CYS C 530 -10.18 11.43 5.08
C CYS C 530 -10.13 10.03 4.45
N ALA C 531 -9.77 9.04 5.27
CA ALA C 531 -9.76 7.63 4.86
C ALA C 531 -11.08 7.22 4.18
N GLY C 532 -10.95 6.62 3.00
CA GLY C 532 -12.10 6.20 2.20
C GLY C 532 -12.68 7.24 1.25
N MET C 533 -12.43 8.53 1.52
CA MET C 533 -12.98 9.61 0.70
C MET C 533 -12.19 9.76 -0.59
N THR C 534 -12.87 9.57 -1.72
CA THR C 534 -12.23 9.69 -3.04
C THR C 534 -12.05 11.18 -3.45
N ASP C 535 -11.15 11.44 -4.40
CA ASP C 535 -10.71 12.81 -4.73
C ASP C 535 -11.80 13.78 -5.21
N LYS C 536 -12.78 13.27 -5.95
CA LYS C 536 -13.89 14.10 -6.43
C LYS C 536 -14.75 14.61 -5.28
N ILE C 537 -14.94 13.76 -4.27
CA ILE C 537 -15.72 14.11 -3.10
C ILE C 537 -14.97 15.14 -2.23
N LYS C 538 -13.65 14.99 -2.15
CA LYS C 538 -12.79 15.91 -1.38
C LYS C 538 -12.93 17.36 -1.82
N LYS C 539 -13.19 17.55 -3.12
CA LYS C 539 -13.39 18.89 -3.69
C LYS C 539 -14.70 19.55 -3.22
N GLU C 540 -15.58 18.74 -2.67
CA GLU C 540 -16.87 19.21 -2.14
C GLU C 540 -16.80 19.68 -0.69
N VAL C 541 -15.70 19.37 -0.03
CA VAL C 541 -15.55 19.57 1.41
C VAL C 541 -15.17 21.02 1.70
N THR C 542 -15.93 21.65 2.59
CA THR C 542 -15.60 22.96 3.13
C THR C 542 -15.38 22.79 4.65
N PHE C 543 -14.79 23.81 5.28
CA PHE C 543 -14.74 23.87 6.74
C PHE C 543 -16.14 23.77 7.37
N GLU C 544 -17.13 24.34 6.71
CA GLU C 544 -18.50 24.35 7.23
C GLU C 544 -19.22 22.99 7.17
N ASN C 545 -19.02 22.22 6.10
CA ASN C 545 -19.74 20.95 5.93
C ASN C 545 -18.98 19.69 6.36
N PHE C 546 -17.76 19.86 6.87
CA PHE C 546 -16.94 18.72 7.32
C PHE C 546 -17.31 18.30 8.72
N LYS C 547 -18.35 17.48 8.78
CA LYS C 547 -18.91 17.01 10.05
C LYS C 547 -19.61 15.68 9.82
N VAL C 548 -20.02 15.04 10.92
CA VAL C 548 -20.81 13.82 10.84
C VAL C 548 -22.10 14.14 10.10
N GLY C 549 -22.41 13.31 9.10
CA GLY C 549 -23.58 13.54 8.24
C GLY C 549 -23.23 14.02 6.83
N PHE C 550 -21.98 14.44 6.61
CA PHE C 550 -21.52 14.83 5.27
C PHE C 550 -21.63 13.64 4.30
N SER C 551 -22.40 13.82 3.23
CA SER C 551 -22.64 12.75 2.27
C SER C 551 -22.66 13.25 0.81
N ARG C 552 -21.98 12.51 -0.07
CA ARG C 552 -22.07 12.75 -1.52
C ARG C 552 -22.17 11.41 -2.25
N LYS C 553 -23.06 11.34 -3.24
CA LYS C 553 -23.20 10.15 -4.08
C LYS C 553 -22.25 10.25 -5.28
N MET C 554 -20.96 10.18 -4.98
CA MET C 554 -19.91 10.44 -5.96
C MET C 554 -18.73 9.45 -5.88
N LYS C 555 -18.87 8.38 -5.09
CA LYS C 555 -17.77 7.42 -4.93
C LYS C 555 -17.91 6.29 -5.97
N PRO C 556 -16.94 6.21 -6.90
CA PRO C 556 -17.00 5.16 -7.90
C PRO C 556 -16.79 3.79 -7.27
N LYS C 557 -17.66 2.85 -7.61
CA LYS C 557 -17.45 1.46 -7.22
C LYS C 557 -17.64 0.50 -8.41
N PRO C 558 -16.69 -0.46 -8.55
CA PRO C 558 -16.75 -1.43 -9.63
C PRO C 558 -17.74 -2.55 -9.33
N VAL C 559 -18.77 -2.65 -10.17
CA VAL C 559 -19.83 -3.64 -10.05
C VAL C 559 -19.64 -4.70 -11.15
N GLN C 560 -19.54 -5.96 -10.75
CA GLN C 560 -19.51 -7.07 -11.70
C GLN C 560 -20.89 -7.25 -12.31
N VAL C 561 -20.95 -7.10 -13.62
CA VAL C 561 -22.18 -7.29 -14.38
C VAL C 561 -21.88 -8.27 -15.51
N PRO C 562 -22.92 -8.78 -16.19
CA PRO C 562 -22.68 -9.71 -17.31
C PRO C 562 -21.84 -9.09 -18.42
N GLY C 563 -20.66 -9.67 -18.66
CA GLY C 563 -19.75 -9.18 -19.69
C GLY C 563 -18.47 -8.56 -19.14
N GLY C 564 -18.55 -7.92 -17.97
CA GLY C 564 -17.38 -7.36 -17.32
C GLY C 564 -17.72 -6.49 -16.12
N VAL C 565 -16.99 -5.38 -15.98
CA VAL C 565 -17.13 -4.48 -14.85
C VAL C 565 -17.59 -3.09 -15.31
N VAL C 566 -18.53 -2.52 -14.56
CA VAL C 566 -18.96 -1.13 -14.70
C VAL C 566 -18.71 -0.36 -13.39
N LEU C 567 -18.29 0.90 -13.51
CA LEU C 567 -18.10 1.78 -12.36
C LEU C 567 -19.40 2.54 -12.15
N VAL C 568 -20.02 2.35 -10.99
CA VAL C 568 -21.26 3.03 -10.66
C VAL C 568 -21.05 3.89 -9.41
N ASP C 569 -21.59 5.11 -9.44
CA ASP C 569 -21.43 6.04 -8.32
C ASP C 569 -22.25 5.61 -7.11
N ASP C 570 -21.53 5.41 -6.00
CA ASP C 570 -22.06 5.01 -4.70
C ASP C 570 -21.88 6.18 -3.70
N THR C 571 -22.70 6.17 -2.64
CA THR C 571 -22.66 7.20 -1.61
CA THR C 571 -22.66 7.19 -1.60
C THR C 571 -21.46 7.00 -0.67
N PHE C 572 -20.91 8.12 -0.20
CA PHE C 572 -19.92 8.14 0.88
C PHE C 572 -20.37 9.11 1.97
N THR C 573 -20.53 8.61 3.19
CA THR C 573 -21.03 9.39 4.33
C THR C 573 -20.12 9.28 5.53
N ILE C 574 -19.80 10.43 6.12
CA ILE C 574 -19.11 10.48 7.42
C ILE C 574 -20.12 10.09 8.48
N LYS C 575 -19.99 8.87 9.01
CA LYS C 575 -20.93 8.29 9.97
C LYS C 575 -20.42 8.46 11.40
MG MG D . 6.99 11.00 5.78
MG MG E . 4.49 11.38 6.36
PA TTP F . 4.89 8.40 4.29
O1A TTP F . 5.01 9.63 5.16
O2A TTP F . 3.51 8.30 3.70
O3A TTP F . 5.93 8.38 3.10
PB TTP F . 7.51 8.64 3.26
O1B TTP F . 8.27 7.36 3.05
O2B TTP F . 7.89 9.43 4.50
O3B TTP F . 7.74 9.56 1.95
PG TTP F . 7.14 11.05 1.79
O1G TTP F . 6.95 11.68 3.15
O2G TTP F . 5.83 11.03 1.09
O3G TTP F . 8.18 11.77 0.98
O5' TTP F . 5.24 7.07 5.11
C5' TTP F . 5.32 6.97 6.50
C4' TTP F . 5.63 5.51 6.82
O4' TTP F . 4.49 4.66 6.54
C3' TTP F . 6.77 4.95 6.01
O3' TTP F . 8.03 5.21 6.59
C2' TTP F . 6.45 3.48 5.96
C1' TTP F . 4.93 3.42 5.99
N1 TTP F . 4.47 3.26 4.62
C2 TTP F . 4.54 1.99 4.01
O2 TTP F . 4.95 1.03 4.68
N3 TTP F . 4.13 1.82 2.75
C4 TTP F . 3.68 2.85 2.01
O4 TTP F . 3.33 2.68 0.82
C5 TTP F . 3.62 4.19 2.60
C5M TTP F . 3.12 5.39 1.84
C6 TTP F . 4.04 4.33 3.91
C1 EDO G . -11.29 3.39 -39.00
O1 EDO G . -11.72 2.06 -38.65
C2 EDO G . -9.91 3.69 -38.42
O2 EDO G . -9.66 5.11 -38.41
C1 EDO H . 15.91 7.05 14.18
O1 EDO H . 16.72 7.36 13.04
C2 EDO H . 14.47 7.21 13.76
O2 EDO H . 13.69 8.00 14.66
C1 EDO I . -10.02 -30.82 -21.62
O1 EDO I . -9.36 -29.99 -22.57
C2 EDO I . -10.53 -29.97 -20.46
O2 EDO I . -9.44 -29.41 -19.71
C1 EDO J . -12.25 -0.17 -36.18
O1 EDO J . -13.47 -0.89 -36.38
C2 EDO J . -11.02 -1.09 -36.15
O2 EDO J . -9.77 -0.35 -35.98
C1 EDO K . 7.10 -11.28 -15.06
O1 EDO K . 7.77 -11.41 -13.79
C2 EDO K . 6.28 -9.99 -15.06
O2 EDO K . 7.09 -8.85 -15.36
C1 EDO L . 3.23 -3.54 -6.10
O1 EDO L . 2.52 -2.30 -6.11
C2 EDO L . 4.30 -3.47 -5.02
O2 EDO L . 4.93 -4.73 -4.80
#